data_6QBD
#
_entry.id   6QBD
#
_cell.length_a   87.391
_cell.length_b   87.391
_cell.length_c   115.967
_cell.angle_alpha   90.000
_cell.angle_beta   90.000
_cell.angle_gamma   90.000
#
_symmetry.space_group_name_H-M   'P 41 21 2'
#
loop_
_entity.id
_entity.type
_entity.pdbx_description
1 polymer '25 kDa protein elicitor'
2 non-polymer 'MAGNESIUM ION'
3 water water
#
_entity_poly.entity_id   1
_entity_poly.type   'polypeptide(L)'
_entity_poly.pdbx_seq_one_letter_code
;AVINHDAVPVWPQPEPADATQALAVRFKPQLDVVNGCQPYAAVNPQGETSGGLKPSGSQAAACRDMSKAQVYSRSGTYNG
YYAIMYSWYMPKDSPSTGIGHRHDWENVVVWLDNAASANIVALSASAHSGYKKSFPADKSYLDGITAKISYKSTWPLDHE
LGFTTSAGKQQPLIQWEQMTQAARDALESTDFGNANVPFKSNFQDKLVKAFFQ
;
_entity_poly.pdbx_strand_id   A,B
#
loop_
_chem_comp.id
_chem_comp.type
_chem_comp.name
_chem_comp.formula
MG non-polymer 'MAGNESIUM ION' 'Mg 2'
#
# COMPACT_ATOMS: atom_id res chain seq x y z
N ALA A 1 14.11 8.53 -18.98
CA ALA A 1 14.53 7.37 -19.78
C ALA A 1 15.78 6.74 -19.17
N VAL A 2 16.08 5.47 -19.54
CA VAL A 2 17.09 4.70 -18.83
C VAL A 2 18.46 4.79 -19.52
N ILE A 3 19.50 4.63 -18.69
CA ILE A 3 20.87 4.38 -19.12
C ILE A 3 21.38 3.13 -18.40
N ASN A 4 22.54 2.62 -18.83
CA ASN A 4 23.09 1.39 -18.25
C ASN A 4 23.32 1.55 -16.75
N HIS A 5 22.96 0.52 -15.98
CA HIS A 5 23.03 0.58 -14.51
C HIS A 5 24.42 0.96 -14.01
N ASP A 6 25.46 0.51 -14.71
CA ASP A 6 26.83 0.76 -14.29
C ASP A 6 27.41 2.01 -14.93
N ALA A 7 26.60 2.81 -15.59
CA ALA A 7 27.04 4.06 -16.21
C ALA A 7 26.29 5.27 -15.64
N VAL A 8 25.61 5.12 -14.52
CA VAL A 8 25.06 6.25 -13.79
C VAL A 8 26.20 6.83 -12.95
N PRO A 9 26.66 8.05 -13.22
CA PRO A 9 27.75 8.62 -12.41
C PRO A 9 27.31 8.87 -10.97
N VAL A 10 28.25 8.68 -10.05
CA VAL A 10 28.00 9.03 -8.64
C VAL A 10 27.89 10.55 -8.53
N TRP A 11 26.73 11.02 -8.05
CA TRP A 11 26.57 12.44 -7.75
C TRP A 11 27.44 12.83 -6.57
N PRO A 12 28.41 13.74 -6.73
CA PRO A 12 29.28 14.11 -5.60
C PRO A 12 28.49 14.78 -4.49
N GLN A 13 28.83 14.44 -3.25
CA GLN A 13 28.20 15.06 -2.09
C GLN A 13 28.59 16.54 -2.02
N PRO A 14 27.68 17.48 -2.18
CA PRO A 14 28.05 18.89 -2.09
C PRO A 14 28.19 19.34 -0.63
N GLU A 15 28.70 20.55 -0.46
CA GLU A 15 28.69 21.16 0.86
C GLU A 15 27.25 21.50 1.24
N PRO A 16 26.87 21.35 2.52
CA PRO A 16 25.49 21.62 2.93
C PRO A 16 25.23 23.12 2.94
N ALA A 17 24.20 23.54 2.19
CA ALA A 17 23.96 24.96 1.99
C ALA A 17 23.06 25.58 3.06
N ASP A 18 22.42 24.78 3.91
CA ASP A 18 21.53 25.28 4.94
C ASP A 18 21.43 24.25 6.06
N ALA A 19 20.66 24.56 7.10
CA ALA A 19 20.65 23.70 8.27
C ALA A 19 19.97 22.36 7.98
N THR A 20 18.96 22.36 7.11
CA THR A 20 18.38 21.11 6.64
C THR A 20 19.44 20.18 6.07
N GLN A 21 20.24 20.67 5.12
CA GLN A 21 21.22 19.80 4.48
C GLN A 21 22.34 19.42 5.44
N ALA A 22 22.69 20.31 6.36
CA ALA A 22 23.72 19.97 7.35
C ALA A 22 23.24 18.86 8.27
N LEU A 23 21.98 18.92 8.68
CA LEU A 23 21.42 17.88 9.53
C LEU A 23 21.48 16.53 8.84
N ALA A 24 21.11 16.50 7.55
CA ALA A 24 21.11 15.22 6.84
C ALA A 24 22.53 14.66 6.70
N VAL A 25 23.52 15.54 6.49
CA VAL A 25 24.90 15.05 6.50
C VAL A 25 25.26 14.49 7.86
N ARG A 26 24.91 15.21 8.93
CA ARG A 26 25.28 14.81 10.29
C ARG A 26 24.79 13.41 10.62
N PHE A 27 23.54 13.10 10.28
CA PHE A 27 22.91 11.85 10.70
C PHE A 27 22.99 10.74 9.64
N LYS A 28 23.85 10.90 8.62
CA LYS A 28 24.04 9.87 7.60
C LYS A 28 24.30 8.51 8.25
N PRO A 29 23.52 7.49 7.92
CA PRO A 29 23.70 6.17 8.55
C PRO A 29 24.81 5.35 7.89
N GLN A 30 25.11 4.22 8.53
CA GLN A 30 25.93 3.15 7.97
C GLN A 30 25.03 2.03 7.46
N LEU A 31 25.47 1.38 6.38
CA LEU A 31 24.73 0.27 5.80
C LEU A 31 25.61 -0.96 5.71
N ASP A 32 25.12 -2.10 6.20
CA ASP A 32 25.80 -3.40 6.12
C ASP A 32 25.07 -4.27 5.12
N VAL A 33 25.60 -4.37 3.90
CA VAL A 33 25.03 -5.20 2.84
C VAL A 33 25.46 -6.64 3.11
N VAL A 34 24.56 -7.45 3.65
CA VAL A 34 24.91 -8.82 4.02
C VAL A 34 24.91 -9.74 2.79
N ASN A 35 23.95 -9.54 1.89
CA ASN A 35 23.92 -10.26 0.62
C ASN A 35 23.14 -9.42 -0.39
N GLY A 36 23.21 -9.81 -1.66
CA GLY A 36 22.60 -9.03 -2.71
C GLY A 36 23.48 -7.88 -3.19
N CYS A 37 22.84 -6.96 -3.93
CA CYS A 37 23.53 -5.84 -4.56
C CYS A 37 24.01 -4.80 -3.55
N GLN A 38 25.13 -4.16 -3.89
CA GLN A 38 25.52 -2.91 -3.28
C GLN A 38 24.57 -1.79 -3.76
N PRO A 39 24.47 -0.71 -2.99
CA PRO A 39 23.73 0.47 -3.48
C PRO A 39 24.46 1.14 -4.64
N TYR A 40 23.67 1.57 -5.64
CA TYR A 40 24.15 2.23 -6.85
C TYR A 40 23.43 3.56 -7.02
N ALA A 41 24.03 4.46 -7.80
CA ALA A 41 23.29 5.67 -8.15
C ALA A 41 22.15 5.33 -9.09
N ALA A 42 21.01 6.02 -8.90
CA ALA A 42 19.80 5.70 -9.62
C ALA A 42 19.41 6.77 -10.64
N VAL A 43 20.01 7.96 -10.55
CA VAL A 43 19.60 9.11 -11.34
C VAL A 43 20.82 10.02 -11.50
N ASN A 44 20.89 10.76 -12.60
CA ASN A 44 21.97 11.74 -12.77
C ASN A 44 21.36 13.16 -12.91
N PRO A 45 22.17 14.22 -12.93
CA PRO A 45 21.57 15.57 -12.93
C PRO A 45 20.73 15.90 -14.16
N GLN A 46 20.87 15.15 -15.25
CA GLN A 46 20.05 15.38 -16.44
C GLN A 46 18.70 14.65 -16.36
N GLY A 47 18.47 13.88 -15.30
CA GLY A 47 17.25 13.12 -15.18
C GLY A 47 17.23 11.77 -15.87
N GLU A 48 18.37 11.28 -16.35
CA GLU A 48 18.44 9.89 -16.79
C GLU A 48 18.49 8.97 -15.57
N THR A 49 17.87 7.79 -15.69
CA THR A 49 17.75 6.87 -14.57
C THR A 49 18.33 5.50 -14.91
N SER A 50 18.66 4.75 -13.86
CA SER A 50 19.25 3.42 -14.03
C SER A 50 18.27 2.46 -14.71
N GLY A 51 18.76 1.73 -15.71
CA GLY A 51 17.99 0.65 -16.27
C GLY A 51 17.91 -0.58 -15.39
N GLY A 52 18.68 -0.62 -14.30
CA GLY A 52 18.58 -1.80 -13.44
C GLY A 52 19.13 -3.06 -14.10
N LEU A 53 18.80 -4.20 -13.50
CA LEU A 53 19.32 -5.49 -13.92
C LEU A 53 18.21 -6.53 -13.97
N LYS A 54 18.24 -7.38 -15.00
CA LYS A 54 17.32 -8.50 -15.09
C LYS A 54 17.58 -9.48 -13.95
N PRO A 55 16.53 -10.04 -13.32
CA PRO A 55 16.77 -10.99 -12.23
C PRO A 55 16.96 -12.41 -12.73
N GLN A 59 24.24 -14.22 -9.80
CA GLN A 59 24.15 -13.72 -8.42
C GLN A 59 24.25 -12.19 -8.38
N ALA A 60 25.25 -11.65 -7.69
CA ALA A 60 25.42 -10.21 -7.55
C ALA A 60 26.67 -9.67 -8.25
N ALA A 61 27.27 -10.44 -9.18
CA ALA A 61 28.51 -9.99 -9.77
C ALA A 61 28.33 -8.73 -10.62
N ALA A 62 27.12 -8.50 -11.13
CA ALA A 62 26.88 -7.28 -11.91
C ALA A 62 26.56 -6.06 -11.04
N CYS A 63 26.42 -6.23 -9.72
CA CYS A 63 25.99 -5.11 -8.88
C CYS A 63 26.76 -5.09 -7.55
N ARG A 64 28.07 -5.38 -7.59
CA ARG A 64 28.91 -5.41 -6.40
C ARG A 64 30.04 -4.40 -6.42
N ASP A 65 30.00 -3.44 -7.34
CA ASP A 65 31.10 -2.48 -7.51
C ASP A 65 30.95 -1.38 -6.47
N MET A 66 31.85 -1.37 -5.46
CA MET A 66 31.77 -0.39 -4.40
C MET A 66 31.96 1.04 -4.88
N SER A 67 32.59 1.25 -6.04
CA SER A 67 32.80 2.61 -6.50
C SER A 67 31.51 3.27 -6.98
N LYS A 68 30.44 2.52 -7.17
CA LYS A 68 29.18 3.06 -7.68
C LYS A 68 28.27 3.57 -6.56
N ALA A 69 28.75 3.56 -5.31
CA ALA A 69 27.90 3.76 -4.14
C ALA A 69 27.30 5.16 -4.10
N GLN A 70 26.04 5.23 -3.66
CA GLN A 70 25.28 6.45 -3.49
C GLN A 70 24.22 6.20 -2.41
N VAL A 71 23.89 7.23 -1.65
CA VAL A 71 22.75 7.22 -0.76
C VAL A 71 22.00 8.52 -0.96
N TYR A 72 20.69 8.48 -0.73
CA TYR A 72 19.79 9.61 -0.94
C TYR A 72 19.14 9.99 0.39
N SER A 73 18.64 11.23 0.47
CA SER A 73 17.83 11.59 1.63
C SER A 73 16.80 12.66 1.26
N ARG A 74 15.80 12.80 2.12
CA ARG A 74 14.82 13.86 2.07
C ARG A 74 14.35 14.10 3.50
N SER A 75 14.11 15.37 3.84
CA SER A 75 13.82 15.76 5.22
C SER A 75 12.46 16.42 5.33
N GLY A 76 11.82 16.23 6.47
CA GLY A 76 10.50 16.81 6.69
C GLY A 76 10.05 16.66 8.12
N THR A 77 8.79 17.00 8.36
CA THR A 77 8.21 16.88 9.69
C THR A 77 6.92 16.08 9.63
N TYR A 78 6.59 15.43 10.76
CA TYR A 78 5.32 14.73 10.93
C TYR A 78 4.97 14.67 12.41
N ASN A 79 3.76 15.10 12.74
CA ASN A 79 3.23 15.01 14.11
C ASN A 79 4.15 15.67 15.12
N GLY A 80 4.80 16.77 14.70
CA GLY A 80 5.69 17.50 15.59
C GLY A 80 7.14 17.05 15.61
N TYR A 81 7.45 15.89 15.05
CA TYR A 81 8.82 15.37 15.03
C TYR A 81 9.49 15.71 13.70
N TYR A 82 10.82 15.74 13.73
CA TYR A 82 11.62 15.97 12.54
C TYR A 82 12.14 14.65 12.00
N ALA A 83 11.90 14.39 10.72
CA ALA A 83 12.25 13.11 10.11
C ALA A 83 13.31 13.32 9.04
N ILE A 84 14.36 12.50 9.04
CA ILE A 84 15.29 12.43 7.91
C ILE A 84 15.21 11.01 7.35
N MET A 85 14.74 10.90 6.12
CA MET A 85 14.63 9.62 5.44
C MET A 85 15.87 9.43 4.60
N TYR A 86 16.57 8.33 4.81
CA TYR A 86 17.71 7.95 3.96
C TYR A 86 17.29 6.78 3.11
N SER A 87 17.71 6.77 1.84
CA SER A 87 17.17 5.78 0.91
C SER A 87 18.26 5.30 -0.03
N TRP A 88 18.23 4.00 -0.34
CA TRP A 88 19.21 3.34 -1.20
C TRP A 88 18.50 2.68 -2.38
N TYR A 89 19.14 2.76 -3.54
CA TYR A 89 18.69 2.08 -4.75
C TYR A 89 19.65 0.94 -5.08
N MET A 90 19.12 -0.25 -5.37
CA MET A 90 19.90 -1.37 -5.85
C MET A 90 19.43 -1.74 -7.26
N PRO A 91 20.33 -2.16 -8.16
CA PRO A 91 19.90 -2.43 -9.54
C PRO A 91 18.91 -3.61 -9.64
N LYS A 92 18.97 -4.56 -8.72
CA LYS A 92 17.96 -5.61 -8.63
C LYS A 92 17.86 -6.06 -7.18
N ASP A 93 16.78 -6.76 -6.89
CA ASP A 93 16.70 -7.46 -5.62
C ASP A 93 17.10 -8.92 -5.88
N ILE A 99 13.41 -15.61 -7.47
CA ILE A 99 14.20 -15.07 -8.58
C ILE A 99 14.40 -13.55 -8.40
N GLY A 100 13.43 -12.87 -7.80
CA GLY A 100 13.56 -11.45 -7.52
C GLY A 100 13.00 -10.57 -8.64
N HIS A 101 13.49 -9.33 -8.67
CA HIS A 101 12.96 -8.39 -9.65
C HIS A 101 13.96 -7.28 -9.92
N ARG A 102 13.84 -6.69 -11.10
CA ARG A 102 14.60 -5.50 -11.48
C ARG A 102 14.26 -4.34 -10.54
N HIS A 103 15.29 -3.57 -10.16
CA HIS A 103 15.18 -2.40 -9.28
C HIS A 103 14.88 -2.76 -7.83
N ASP A 104 15.35 -1.92 -6.91
CA ASP A 104 15.03 -2.05 -5.49
C ASP A 104 15.21 -0.69 -4.85
N TRP A 105 14.24 -0.28 -4.04
CA TRP A 105 14.32 0.96 -3.28
C TRP A 105 13.93 0.65 -1.83
N GLU A 106 14.80 1.02 -0.90
CA GLU A 106 14.53 0.83 0.53
C GLU A 106 14.89 2.11 1.27
N ASN A 107 14.35 2.29 2.48
CA ASN A 107 14.61 3.52 3.22
C ASN A 107 14.53 3.28 4.73
N VAL A 108 15.31 4.07 5.47
CA VAL A 108 15.17 4.19 6.91
C VAL A 108 14.79 5.62 7.24
N VAL A 109 14.16 5.82 8.40
CA VAL A 109 13.85 7.17 8.87
C VAL A 109 14.50 7.36 10.24
N VAL A 110 15.30 8.42 10.37
CA VAL A 110 15.81 8.87 11.66
C VAL A 110 14.86 9.94 12.19
N TRP A 111 14.28 9.69 13.36
CA TRP A 111 13.34 10.62 13.98
C TRP A 111 14.03 11.43 15.07
N LEU A 112 13.92 12.75 14.99
CA LEU A 112 14.44 13.66 16.00
C LEU A 112 13.28 14.32 16.74
N ASP A 113 13.47 14.64 18.03
CA ASP A 113 12.40 15.34 18.74
C ASP A 113 12.05 16.66 18.05
N ASN A 114 13.07 17.42 17.63
CA ASN A 114 12.88 18.53 16.70
C ASN A 114 14.25 18.89 16.13
N ALA A 115 14.24 19.79 15.16
CA ALA A 115 15.49 20.10 14.45
C ALA A 115 16.45 20.95 15.29
N ALA A 116 15.97 21.58 16.37
CA ALA A 116 16.85 22.38 17.20
C ALA A 116 17.65 21.50 18.16
N SER A 117 16.98 20.76 19.03
CA SER A 117 17.71 19.91 19.98
C SER A 117 18.28 18.67 19.30
N ALA A 118 17.59 18.13 18.30
CA ALA A 118 18.09 17.05 17.45
C ALA A 118 18.55 15.82 18.23
N ASN A 119 17.73 15.39 19.19
CA ASN A 119 17.93 14.11 19.85
C ASN A 119 17.20 13.01 19.09
N ILE A 120 17.88 11.90 18.82
CA ILE A 120 17.22 10.79 18.15
C ILE A 120 16.22 10.18 19.11
N VAL A 121 14.96 10.10 18.67
CA VAL A 121 13.92 9.50 19.49
C VAL A 121 13.49 8.13 19.00
N ALA A 122 13.74 7.80 17.73
CA ALA A 122 13.27 6.55 17.14
C ALA A 122 13.97 6.35 15.80
N LEU A 123 14.00 5.09 15.37
CA LEU A 123 14.42 4.71 14.03
C LEU A 123 13.36 3.81 13.41
N SER A 124 13.18 3.94 12.09
CA SER A 124 12.31 3.06 11.32
C SER A 124 13.10 2.52 10.12
N ALA A 125 12.80 1.28 9.71
CA ALA A 125 13.48 0.69 8.56
C ALA A 125 12.48 -0.09 7.72
N SER A 126 12.46 0.20 6.41
CA SER A 126 11.48 -0.42 5.53
C SER A 126 11.72 -1.93 5.43
N ALA A 127 10.65 -2.70 5.54
CA ALA A 127 10.69 -4.14 5.35
C ALA A 127 9.40 -4.55 4.67
N HIS A 128 9.49 -4.92 3.39
CA HIS A 128 8.35 -5.30 2.55
C HIS A 128 7.35 -4.15 2.56
N SER A 129 6.09 -4.36 2.94
CA SER A 129 5.09 -3.29 2.88
C SER A 129 5.01 -2.45 4.15
N GLY A 130 5.86 -2.72 5.13
CA GLY A 130 5.81 -1.95 6.36
C GLY A 130 7.16 -1.44 6.83
N TYR A 131 7.26 -1.15 8.12
CA TYR A 131 8.49 -0.66 8.73
C TYR A 131 8.73 -1.34 10.07
N LYS A 132 9.95 -1.82 10.27
CA LYS A 132 10.41 -2.12 11.61
C LYS A 132 10.70 -0.81 12.35
N LYS A 133 10.44 -0.81 13.66
CA LYS A 133 10.57 0.41 14.45
C LYS A 133 11.38 0.13 15.71
N SER A 134 12.32 1.01 16.01
CA SER A 134 13.10 0.94 17.25
C SER A 134 12.78 2.22 18.03
N PHE A 135 11.93 2.09 19.08
CA PHE A 135 11.44 3.23 19.85
C PHE A 135 11.38 2.90 21.34
N PRO A 136 12.23 3.52 22.19
CA PRO A 136 13.25 4.50 21.82
C PRO A 136 14.37 3.83 21.06
N ALA A 137 15.20 4.62 20.38
CA ALA A 137 16.25 4.04 19.55
C ALA A 137 17.24 3.26 20.41
N ASP A 138 17.28 1.94 20.19
CA ASP A 138 18.20 1.06 20.89
C ASP A 138 19.65 1.48 20.63
N LYS A 139 20.37 1.81 21.70
CA LYS A 139 21.74 2.30 21.56
C LYS A 139 22.67 1.28 20.92
N SER A 140 22.33 0.00 20.94
CA SER A 140 23.18 -0.97 20.25
C SER A 140 23.09 -0.83 18.73
N TYR A 141 22.06 -0.14 18.23
CA TYR A 141 21.90 0.14 16.81
C TYR A 141 22.51 1.48 16.41
N LEU A 142 23.16 2.19 17.33
CA LEU A 142 23.71 3.51 17.08
C LEU A 142 25.21 3.47 17.34
N ASP A 143 25.97 4.00 16.39
CA ASP A 143 27.39 4.23 16.53
C ASP A 143 27.53 5.74 16.71
N GLY A 144 27.47 6.19 17.97
CA GLY A 144 27.33 7.61 18.23
C GLY A 144 25.92 8.06 17.90
N ILE A 145 25.77 8.91 16.88
CA ILE A 145 24.46 9.28 16.35
C ILE A 145 24.24 8.69 14.96
N THR A 146 25.11 7.75 14.54
CA THR A 146 25.06 7.10 13.24
C THR A 146 24.30 5.78 13.38
N ALA A 147 23.12 5.70 12.75
CA ALA A 147 22.33 4.48 12.78
C ALA A 147 23.01 3.37 11.97
N LYS A 148 22.94 2.14 12.48
CA LYS A 148 23.56 0.97 11.85
C LYS A 148 22.47 0.10 11.24
N ILE A 149 22.43 0.06 9.91
CA ILE A 149 21.35 -0.57 9.16
C ILE A 149 21.91 -1.76 8.39
N SER A 150 21.08 -2.78 8.23
CA SER A 150 21.42 -3.98 7.48
C SER A 150 20.54 -4.10 6.24
N TYR A 151 21.12 -4.62 5.16
CA TYR A 151 20.40 -4.97 3.93
C TYR A 151 20.61 -6.46 3.69
N LYS A 152 19.53 -7.24 3.70
CA LYS A 152 19.67 -8.69 3.71
C LYS A 152 18.35 -9.35 3.28
N SER A 153 18.47 -10.48 2.58
CA SER A 153 17.34 -11.33 2.29
C SER A 153 17.54 -12.69 2.97
N THR A 154 16.48 -13.19 3.60
CA THR A 154 16.52 -14.50 4.27
C THR A 154 15.65 -15.51 3.53
N LEU A 157 11.99 -15.05 0.92
CA LEU A 157 11.77 -13.63 1.18
C LEU A 157 12.78 -12.74 0.46
N ASP A 158 12.28 -11.67 -0.16
CA ASP A 158 13.13 -10.68 -0.82
C ASP A 158 13.93 -9.89 0.22
N HIS A 159 14.67 -8.89 -0.25
CA HIS A 159 15.52 -8.13 0.66
C HIS A 159 14.69 -7.18 1.53
N GLU A 160 15.20 -6.94 2.74
CA GLU A 160 14.60 -5.98 3.65
C GLU A 160 15.69 -5.26 4.43
N LEU A 161 15.35 -4.09 4.94
CA LEU A 161 16.24 -3.41 5.86
C LEU A 161 15.94 -3.88 7.29
N GLY A 162 16.91 -3.64 8.17
CA GLY A 162 16.78 -3.96 9.58
C GLY A 162 17.80 -3.15 10.35
N PHE A 163 17.69 -3.22 11.67
CA PHE A 163 18.70 -2.65 12.53
C PHE A 163 19.71 -3.72 12.89
N THR A 164 20.95 -3.30 13.11
CA THR A 164 22.00 -4.28 13.33
C THR A 164 23.04 -3.67 14.25
N THR A 165 23.69 -4.54 15.04
CA THR A 165 24.87 -4.11 15.79
C THR A 165 26.12 -4.08 14.92
N SER A 166 26.08 -4.71 13.74
CA SER A 166 27.26 -4.77 12.88
C SER A 166 27.64 -3.40 12.34
N ALA A 167 28.94 -3.15 12.25
CA ALA A 167 29.41 -1.95 11.57
C ALA A 167 29.09 -2.04 10.08
N GLY A 168 28.86 -0.87 9.47
CA GLY A 168 28.51 -0.82 8.06
C GLY A 168 29.35 0.18 7.29
N LYS A 169 28.96 0.45 6.04
CA LYS A 169 29.67 1.38 5.18
C LYS A 169 28.81 2.60 4.88
N GLN A 170 29.46 3.70 4.51
CA GLN A 170 28.76 4.93 4.18
C GLN A 170 28.99 5.26 2.71
N GLN A 171 28.09 6.06 2.14
CA GLN A 171 28.11 6.42 0.73
C GLN A 171 28.00 7.93 0.58
N PRO A 172 28.45 8.47 -0.57
CA PRO A 172 28.21 9.88 -0.85
C PRO A 172 26.71 10.18 -0.91
N LEU A 173 26.29 11.23 -0.21
CA LEU A 173 24.89 11.57 -0.05
C LEU A 173 24.51 12.73 -0.97
N ILE A 174 23.49 12.53 -1.81
CA ILE A 174 22.85 13.63 -2.52
C ILE A 174 21.40 13.71 -2.05
N GLN A 175 21.01 14.88 -1.56
CA GLN A 175 19.69 15.05 -0.97
C GLN A 175 18.70 15.53 -2.03
N TRP A 176 17.44 15.11 -1.86
CA TRP A 176 16.33 15.60 -2.68
C TRP A 176 16.42 17.10 -2.84
N GLU A 177 16.65 17.79 -1.73
CA GLU A 177 16.70 19.25 -1.69
C GLU A 177 17.87 19.81 -2.51
N GLN A 178 18.88 18.99 -2.82
CA GLN A 178 20.07 19.42 -3.54
C GLN A 178 20.05 19.04 -5.02
N MET A 179 19.11 18.23 -5.45
CA MET A 179 19.09 17.74 -6.82
C MET A 179 18.70 18.84 -7.80
N THR A 180 18.98 18.59 -9.07
CA THR A 180 18.36 19.38 -10.12
C THR A 180 16.87 19.09 -10.20
N GLN A 181 16.12 20.03 -10.77
CA GLN A 181 14.71 19.76 -10.98
C GLN A 181 14.52 18.57 -11.91
N ALA A 182 15.40 18.41 -12.92
CA ALA A 182 15.26 17.28 -13.83
C ALA A 182 15.41 15.95 -13.10
N ALA A 183 16.26 15.88 -12.07
CA ALA A 183 16.39 14.63 -11.33
C ALA A 183 15.17 14.37 -10.46
N ARG A 184 14.66 15.41 -9.78
CA ARG A 184 13.44 15.21 -8.99
C ARG A 184 12.27 14.82 -9.88
N ASP A 185 12.15 15.45 -11.06
CA ASP A 185 11.11 15.08 -12.01
C ASP A 185 11.23 13.62 -12.43
N ALA A 186 12.44 13.16 -12.72
CA ALA A 186 12.62 11.78 -13.17
C ALA A 186 12.26 10.80 -12.06
N LEU A 187 12.67 11.09 -10.82
CA LEU A 187 12.36 10.18 -9.73
C LEU A 187 10.85 10.16 -9.44
N GLU A 188 10.16 11.27 -9.69
CA GLU A 188 8.71 11.32 -9.49
C GLU A 188 7.98 10.46 -10.53
N SER A 189 8.43 10.49 -11.78
CA SER A 189 7.63 9.95 -12.88
C SER A 189 8.12 8.59 -13.38
N THR A 190 9.32 8.15 -13.04
CA THR A 190 9.87 6.94 -13.64
C THR A 190 9.20 5.68 -13.07
N ASP A 191 8.92 4.73 -13.96
CA ASP A 191 8.36 3.44 -13.55
C ASP A 191 9.51 2.53 -13.12
N PHE A 192 9.65 2.32 -11.81
CA PHE A 192 10.65 1.39 -11.29
C PHE A 192 10.10 -0.01 -11.07
N GLY A 193 8.97 -0.35 -11.71
CA GLY A 193 8.44 -1.69 -11.70
C GLY A 193 7.95 -2.13 -10.35
N ASN A 194 8.52 -3.21 -9.81
CA ASN A 194 8.10 -3.69 -8.50
C ASN A 194 8.60 -2.80 -7.36
N ALA A 195 9.56 -1.91 -7.63
CA ALA A 195 10.11 -1.01 -6.63
C ALA A 195 9.50 0.38 -6.78
N ASN A 196 9.54 1.15 -5.68
CA ASN A 196 8.97 2.49 -5.65
C ASN A 196 9.89 3.44 -4.91
N VAL A 197 10.21 4.56 -5.55
CA VAL A 197 10.92 5.64 -4.86
C VAL A 197 10.10 6.04 -3.63
N PRO A 198 10.65 6.05 -2.42
CA PRO A 198 9.86 6.40 -1.23
C PRO A 198 9.98 7.85 -0.77
N PHE A 199 10.68 8.72 -1.49
CA PHE A 199 10.80 10.11 -1.08
C PHE A 199 10.34 11.07 -2.17
N LYS A 200 9.51 10.61 -3.12
CA LYS A 200 8.88 11.48 -4.09
C LYS A 200 7.59 12.06 -3.49
N SER A 201 6.54 12.22 -4.30
CA SER A 201 5.31 12.81 -3.77
C SER A 201 4.63 11.93 -2.72
N ASN A 202 5.07 10.68 -2.55
CA ASN A 202 4.58 9.81 -1.50
C ASN A 202 5.30 10.02 -0.17
N PHE A 203 6.16 11.04 -0.07
CA PHE A 203 7.04 11.20 1.10
C PHE A 203 6.24 11.22 2.41
N GLN A 204 5.28 12.13 2.53
CA GLN A 204 4.52 12.26 3.77
C GLN A 204 3.72 11.00 4.08
N ASP A 205 3.19 10.34 3.04
CA ASP A 205 2.50 9.08 3.25
C ASP A 205 3.44 8.03 3.85
N LYS A 206 4.71 8.04 3.40
CA LYS A 206 5.68 7.10 3.95
C LYS A 206 6.00 7.42 5.41
N LEU A 207 6.12 8.71 5.73
CA LEU A 207 6.39 9.08 7.12
C LEU A 207 5.28 8.62 8.05
N VAL A 208 4.04 8.65 7.57
CA VAL A 208 2.91 8.13 8.35
C VAL A 208 3.10 6.66 8.64
N LYS A 209 3.41 5.88 7.60
CA LYS A 209 3.63 4.45 7.76
C LYS A 209 4.83 4.17 8.66
N ALA A 210 5.87 5.00 8.56
CA ALA A 210 7.06 4.80 9.38
C ALA A 210 6.90 5.30 10.80
N PHE A 211 5.83 6.03 11.12
CA PHE A 211 5.75 6.68 12.43
C PHE A 211 5.70 5.63 13.55
N PHE A 212 6.29 6.00 14.70
CA PHE A 212 6.71 5.06 15.72
C PHE A 212 5.74 4.97 16.91
N GLN A 213 4.60 5.64 16.86
CA GLN A 213 3.62 5.55 17.95
C GLN A 213 2.27 5.12 17.43
N ALA B 1 -23.94 2.87 -20.25
CA ALA B 1 -24.34 4.25 -20.00
C ALA B 1 -24.60 4.47 -18.50
N VAL B 2 -24.70 5.73 -18.09
CA VAL B 2 -24.90 6.09 -16.68
C VAL B 2 -26.38 6.32 -16.43
N ILE B 3 -26.86 5.87 -15.26
CA ILE B 3 -28.22 6.13 -14.78
C ILE B 3 -28.13 6.68 -13.35
N ASN B 4 -29.24 7.30 -12.91
CA ASN B 4 -29.27 7.91 -11.57
C ASN B 4 -28.94 6.88 -10.50
N HIS B 5 -28.17 7.32 -9.49
CA HIS B 5 -27.74 6.46 -8.38
C HIS B 5 -28.90 5.76 -7.70
N ASP B 6 -30.06 6.42 -7.59
CA ASP B 6 -31.20 5.84 -6.90
C ASP B 6 -32.11 5.06 -7.83
N ALA B 7 -31.71 4.88 -9.08
CA ALA B 7 -32.52 4.15 -10.04
C ALA B 7 -31.85 2.86 -10.52
N VAL B 8 -30.76 2.43 -9.88
CA VAL B 8 -30.13 1.16 -10.24
C VAL B 8 -30.91 0.05 -9.54
N PRO B 9 -31.55 -0.87 -10.27
CA PRO B 9 -32.30 -1.93 -9.61
C PRO B 9 -31.36 -2.83 -8.82
N VAL B 10 -31.86 -3.33 -7.69
CA VAL B 10 -31.11 -4.30 -6.91
C VAL B 10 -31.20 -5.65 -7.60
N TRP B 11 -30.04 -6.23 -7.91
CA TRP B 11 -29.97 -7.54 -8.55
C TRP B 11 -30.36 -8.60 -7.54
N PRO B 12 -31.44 -9.36 -7.77
CA PRO B 12 -31.83 -10.40 -6.80
C PRO B 12 -30.73 -11.43 -6.62
N GLN B 13 -30.55 -11.89 -5.38
CA GLN B 13 -29.60 -12.97 -5.12
C GLN B 13 -30.09 -14.28 -5.72
N PRO B 14 -29.40 -14.86 -6.69
CA PRO B 14 -29.85 -16.15 -7.25
C PRO B 14 -29.45 -17.31 -6.34
N GLU B 15 -29.97 -18.48 -6.70
CA GLU B 15 -29.50 -19.70 -6.06
C GLU B 15 -28.08 -20.01 -6.55
N PRO B 16 -27.23 -20.55 -5.69
CA PRO B 16 -25.85 -20.83 -6.11
C PRO B 16 -25.79 -22.06 -7.01
N ALA B 17 -25.19 -21.88 -8.18
CA ALA B 17 -25.15 -22.92 -9.21
C ALA B 17 -24.02 -23.93 -9.04
N ASP B 18 -23.03 -23.65 -8.19
CA ASP B 18 -21.95 -24.59 -7.96
C ASP B 18 -21.38 -24.35 -6.56
N ALA B 19 -20.37 -25.15 -6.19
CA ALA B 19 -19.79 -25.08 -4.85
C ALA B 19 -19.15 -23.72 -4.59
N THR B 20 -18.50 -23.15 -5.60
CA THR B 20 -17.91 -21.83 -5.47
C THR B 20 -18.96 -20.80 -5.08
N GLN B 21 -20.07 -20.76 -5.82
CA GLN B 21 -21.12 -19.80 -5.53
C GLN B 21 -21.75 -20.06 -4.17
N ALA B 22 -21.89 -21.34 -3.79
CA ALA B 22 -22.48 -21.65 -2.48
C ALA B 22 -21.57 -21.19 -1.35
N LEU B 23 -20.25 -21.32 -1.53
CA LEU B 23 -19.33 -20.82 -0.51
C LEU B 23 -19.45 -19.32 -0.33
N ALA B 24 -19.60 -18.57 -1.43
CA ALA B 24 -19.68 -17.12 -1.31
C ALA B 24 -20.93 -16.69 -0.57
N VAL B 25 -22.05 -17.40 -0.80
CA VAL B 25 -23.26 -17.13 -0.03
C VAL B 25 -23.02 -17.42 1.46
N ARG B 26 -22.40 -18.57 1.74
CA ARG B 26 -22.21 -19.03 3.12
C ARG B 26 -21.41 -18.05 3.96
N PHE B 27 -20.36 -17.46 3.38
CA PHE B 27 -19.48 -16.59 4.13
C PHE B 27 -19.81 -15.11 3.95
N LYS B 28 -21.03 -14.80 3.48
CA LYS B 28 -21.45 -13.41 3.29
C LYS B 28 -21.29 -12.64 4.60
N PRO B 29 -20.59 -11.51 4.61
CA PRO B 29 -20.32 -10.79 5.86
C PRO B 29 -21.48 -9.87 6.27
N GLN B 30 -21.35 -9.32 7.48
CA GLN B 30 -22.18 -8.22 7.98
C GLN B 30 -21.41 -6.91 7.85
N LEU B 31 -22.13 -5.82 7.57
CA LEU B 31 -21.54 -4.50 7.43
C LEU B 31 -22.23 -3.54 8.39
N ASP B 32 -21.44 -2.86 9.22
CA ASP B 32 -21.95 -1.83 10.14
C ASP B 32 -21.55 -0.47 9.57
N VAL B 33 -22.51 0.22 8.96
CA VAL B 33 -22.27 1.53 8.36
C VAL B 33 -22.35 2.57 9.49
N VAL B 34 -21.18 3.04 9.94
CA VAL B 34 -21.15 3.94 11.10
C VAL B 34 -21.46 5.37 10.68
N ASN B 35 -20.80 5.86 9.63
CA ASN B 35 -21.19 7.12 9.00
C ASN B 35 -21.03 6.99 7.48
N GLY B 36 -21.49 8.01 6.75
CA GLY B 36 -21.42 7.96 5.29
C GLY B 36 -22.60 7.25 4.67
N CYS B 37 -22.44 6.89 3.40
CA CYS B 37 -23.52 6.28 2.62
C CYS B 37 -23.73 4.82 2.96
N GLN B 38 -24.99 4.37 2.79
CA GLN B 38 -25.28 2.95 2.68
C GLN B 38 -24.72 2.40 1.37
N PRO B 39 -24.51 1.08 1.30
CA PRO B 39 -24.16 0.48 0.00
C PRO B 39 -25.35 0.50 -0.95
N TYR B 40 -25.07 0.79 -2.22
CA TYR B 40 -26.05 0.83 -3.30
C TYR B 40 -25.64 -0.12 -4.42
N ALA B 41 -26.61 -0.49 -5.27
CA ALA B 41 -26.26 -1.23 -6.47
C ALA B 41 -25.53 -0.31 -7.44
N ALA B 42 -24.48 -0.85 -8.07
CA ALA B 42 -23.63 -0.07 -8.97
C ALA B 42 -23.89 -0.34 -10.44
N VAL B 43 -24.55 -1.45 -10.78
CA VAL B 43 -24.66 -1.90 -12.17
C VAL B 43 -25.92 -2.75 -12.31
N ASN B 44 -26.56 -2.68 -13.48
CA ASN B 44 -27.71 -3.51 -13.78
C ASN B 44 -27.34 -4.57 -14.84
N PRO B 45 -28.22 -5.54 -15.10
CA PRO B 45 -27.83 -6.65 -16.01
C PRO B 45 -27.57 -6.22 -17.43
N GLN B 46 -28.02 -5.03 -17.83
CA GLN B 46 -27.78 -4.49 -19.17
C GLN B 46 -26.48 -3.69 -19.24
N GLY B 47 -25.77 -3.51 -18.13
CA GLY B 47 -24.51 -2.82 -18.15
C GLY B 47 -24.58 -1.34 -17.86
N GLU B 48 -25.75 -0.80 -17.56
CA GLU B 48 -25.84 0.57 -17.08
C GLU B 48 -25.26 0.65 -15.67
N THR B 49 -24.60 1.78 -15.36
CA THR B 49 -23.89 1.95 -14.09
C THR B 49 -24.36 3.21 -13.38
N SER B 50 -24.14 3.22 -12.06
CA SER B 50 -24.55 4.32 -11.21
C SER B 50 -23.75 5.58 -11.49
N GLY B 51 -24.43 6.71 -11.64
CA GLY B 51 -23.76 7.99 -11.73
C GLY B 51 -23.18 8.53 -10.43
N GLY B 52 -23.40 7.85 -9.31
CA GLY B 52 -22.90 8.35 -8.04
C GLY B 52 -23.54 9.69 -7.64
N LEU B 53 -22.91 10.33 -6.65
CA LEU B 53 -23.36 11.62 -6.14
C LEU B 53 -22.17 12.58 -6.08
N LYS B 54 -22.44 13.84 -6.37
CA LYS B 54 -21.41 14.86 -6.25
C LYS B 54 -21.27 15.27 -4.79
N PRO B 55 -20.06 15.30 -4.24
CA PRO B 55 -19.92 15.66 -2.82
C PRO B 55 -20.46 17.05 -2.56
N SER B 56 -21.02 17.24 -1.37
CA SER B 56 -21.62 18.51 -0.99
C SER B 56 -21.77 18.61 0.53
N ALA B 60 -25.87 12.98 4.03
CA ALA B 60 -25.98 11.68 3.37
C ALA B 60 -27.43 11.36 3.04
N ALA B 61 -28.29 12.39 3.01
CA ALA B 61 -29.72 12.16 2.81
C ALA B 61 -30.03 11.51 1.47
N ALA B 62 -29.16 11.68 0.47
CA ALA B 62 -29.40 11.10 -0.83
C ALA B 62 -28.83 9.69 -0.96
N CYS B 63 -28.14 9.18 0.06
CA CYS B 63 -27.54 7.84 -0.05
C CYS B 63 -27.73 7.05 1.24
N ARG B 64 -28.90 7.18 1.87
CA ARG B 64 -29.22 6.46 3.10
C ARG B 64 -30.39 5.49 2.95
N ASP B 65 -30.81 5.18 1.72
CA ASP B 65 -31.99 4.35 1.49
C ASP B 65 -31.60 2.88 1.60
N MET B 66 -32.02 2.21 2.67
CA MET B 66 -31.59 0.83 2.86
C MET B 66 -32.23 -0.15 1.88
N SER B 67 -33.28 0.26 1.15
CA SER B 67 -33.84 -0.65 0.16
C SER B 67 -32.94 -0.79 -1.07
N LYS B 68 -31.95 0.06 -1.23
CA LYS B 68 -31.09 0.00 -2.41
C LYS B 68 -29.91 -0.96 -2.24
N ALA B 69 -29.86 -1.67 -1.11
CA ALA B 69 -28.64 -2.35 -0.70
C ALA B 69 -28.26 -3.49 -1.64
N GLN B 70 -26.96 -3.66 -1.84
CA GLN B 70 -26.37 -4.72 -2.66
C GLN B 70 -24.97 -5.02 -2.13
N VAL B 71 -24.54 -6.27 -2.28
CA VAL B 71 -23.13 -6.61 -2.05
C VAL B 71 -22.68 -7.47 -3.22
N TYR B 72 -21.38 -7.40 -3.54
CA TYR B 72 -20.77 -8.12 -4.66
C TYR B 72 -19.71 -9.09 -4.14
N SER B 73 -19.43 -10.12 -4.92
CA SER B 73 -18.27 -10.96 -4.58
C SER B 73 -17.60 -11.49 -5.83
N ARG B 74 -16.34 -11.90 -5.65
CA ARG B 74 -15.62 -12.70 -6.62
C ARG B 74 -14.68 -13.63 -5.86
N SER B 75 -14.55 -14.86 -6.33
CA SER B 75 -13.82 -15.90 -5.62
C SER B 75 -12.60 -16.33 -6.43
N GLY B 76 -11.57 -16.78 -5.73
CA GLY B 76 -10.37 -17.27 -6.39
C GLY B 76 -9.42 -17.93 -5.42
N THR B 77 -8.20 -18.17 -5.88
CA THR B 77 -7.17 -18.76 -5.04
C THR B 77 -5.87 -17.98 -5.17
N TYR B 78 -5.02 -18.15 -4.16
CA TYR B 78 -3.70 -17.52 -4.14
C TYR B 78 -2.84 -18.26 -3.13
N ASN B 79 -1.71 -18.81 -3.59
CA ASN B 79 -0.70 -19.43 -2.71
C ASN B 79 -1.28 -20.56 -1.88
N GLY B 80 -2.13 -21.39 -2.49
CA GLY B 80 -2.74 -22.51 -1.81
C GLY B 80 -3.97 -22.16 -0.99
N TYR B 81 -4.22 -20.89 -0.71
CA TYR B 81 -5.37 -20.47 0.07
C TYR B 81 -6.54 -20.11 -0.84
N TYR B 82 -7.74 -20.27 -0.30
CA TYR B 82 -8.98 -19.98 -1.02
C TYR B 82 -9.49 -18.63 -0.54
N ALA B 83 -9.79 -17.73 -1.49
CA ALA B 83 -10.13 -16.34 -1.16
C ALA B 83 -11.51 -15.99 -1.69
N ILE B 84 -12.33 -15.38 -0.84
CA ILE B 84 -13.60 -14.80 -1.27
C ILE B 84 -13.51 -13.31 -0.98
N MET B 85 -13.55 -12.50 -2.03
CA MET B 85 -13.58 -11.05 -1.89
C MET B 85 -15.03 -10.57 -1.92
N TYR B 86 -15.43 -9.83 -0.89
CA TYR B 86 -16.73 -9.17 -0.85
C TYR B 86 -16.51 -7.67 -1.02
N SER B 87 -17.38 -7.03 -1.79
CA SER B 87 -17.14 -5.64 -2.16
C SER B 87 -18.45 -4.87 -2.14
N TRP B 88 -18.37 -3.60 -1.72
CA TRP B 88 -19.52 -2.72 -1.66
C TRP B 88 -19.23 -1.45 -2.45
N TYR B 89 -20.29 -0.91 -3.07
CA TYR B 89 -20.27 0.37 -3.76
C TYR B 89 -21.12 1.38 -3.01
N MET B 90 -20.58 2.57 -2.78
CA MET B 90 -21.37 3.68 -2.27
C MET B 90 -21.39 4.81 -3.31
N PRO B 91 -22.49 5.56 -3.42
CA PRO B 91 -22.57 6.61 -4.45
C PRO B 91 -21.52 7.71 -4.30
N LYS B 92 -21.04 7.96 -3.08
CA LYS B 92 -19.96 8.90 -2.84
C LYS B 92 -19.22 8.53 -1.56
N ASP B 93 -18.01 9.07 -1.42
CA ASP B 93 -17.26 9.06 -0.17
C ASP B 93 -17.15 10.52 0.25
N SER B 94 -17.95 10.94 1.22
CA SER B 94 -17.94 12.33 1.68
C SER B 94 -17.75 12.36 3.18
N PRO B 95 -16.54 12.62 3.67
CA PRO B 95 -16.34 12.72 5.12
C PRO B 95 -16.96 13.97 5.71
N SER B 96 -16.99 15.07 4.96
CA SER B 96 -17.55 16.32 5.44
C SER B 96 -18.32 17.05 4.33
N ILE B 99 -16.41 17.99 0.14
CA ILE B 99 -15.23 17.26 0.57
C ILE B 99 -15.49 15.77 0.38
N GLY B 100 -14.50 15.06 -0.17
CA GLY B 100 -14.65 13.68 -0.58
C GLY B 100 -14.66 13.56 -2.09
N HIS B 101 -15.26 12.46 -2.57
CA HIS B 101 -15.35 12.27 -4.01
C HIS B 101 -16.57 11.44 -4.39
N ARG B 102 -16.99 11.63 -5.65
CA ARG B 102 -18.00 10.78 -6.26
C ARG B 102 -17.51 9.35 -6.33
N HIS B 103 -18.42 8.39 -6.07
CA HIS B 103 -18.18 6.95 -6.10
C HIS B 103 -17.28 6.49 -4.95
N ASP B 104 -17.48 5.23 -4.53
CA ASP B 104 -16.63 4.59 -3.55
C ASP B 104 -16.74 3.09 -3.73
N TRP B 105 -15.61 2.40 -3.75
CA TRP B 105 -15.58 0.94 -3.85
C TRP B 105 -14.65 0.43 -2.76
N GLU B 106 -15.14 -0.45 -1.90
CA GLU B 106 -14.32 -1.04 -0.86
C GLU B 106 -14.53 -2.56 -0.87
N ASN B 107 -13.58 -3.29 -0.27
CA ASN B 107 -13.68 -4.74 -0.28
C ASN B 107 -13.04 -5.37 0.95
N VAL B 108 -13.54 -6.55 1.33
CA VAL B 108 -12.89 -7.41 2.32
C VAL B 108 -12.62 -8.75 1.67
N VAL B 109 -11.54 -9.41 2.11
CA VAL B 109 -11.23 -10.75 1.64
C VAL B 109 -11.34 -11.69 2.82
N VAL B 110 -12.17 -12.71 2.68
CA VAL B 110 -12.22 -13.82 3.63
C VAL B 110 -11.29 -14.92 3.11
N TRP B 111 -10.26 -15.25 3.89
CA TRP B 111 -9.26 -16.24 3.50
C TRP B 111 -9.59 -17.57 4.17
N LEU B 112 -9.78 -18.62 3.37
CA LEU B 112 -9.99 -19.96 3.87
C LEU B 112 -8.77 -20.85 3.60
N ASP B 113 -8.60 -21.88 4.45
CA ASP B 113 -7.48 -22.79 4.22
C ASP B 113 -7.66 -23.57 2.92
N ASN B 114 -8.88 -24.05 2.66
CA ASN B 114 -9.24 -24.60 1.36
C ASN B 114 -10.76 -24.63 1.28
N ALA B 115 -11.27 -24.90 0.08
CA ALA B 115 -12.70 -24.77 -0.16
C ALA B 115 -13.52 -25.88 0.51
N ALA B 116 -12.87 -26.96 0.94
CA ALA B 116 -13.57 -28.05 1.62
C ALA B 116 -13.58 -27.85 3.14
N SER B 117 -12.41 -27.79 3.77
CA SER B 117 -12.37 -27.51 5.20
C SER B 117 -13.02 -26.17 5.51
N ALA B 118 -12.77 -25.16 4.67
CA ALA B 118 -13.40 -23.85 4.80
C ALA B 118 -13.24 -23.27 6.20
N ASN B 119 -12.04 -23.40 6.76
CA ASN B 119 -11.70 -22.72 8.00
C ASN B 119 -11.19 -21.32 7.68
N ILE B 120 -11.71 -20.31 8.37
CA ILE B 120 -11.22 -18.95 8.17
C ILE B 120 -9.84 -18.85 8.80
N VAL B 121 -8.84 -18.51 7.99
CA VAL B 121 -7.49 -18.31 8.52
C VAL B 121 -7.13 -16.84 8.70
N ALA B 122 -7.79 -15.93 8.00
CA ALA B 122 -7.40 -14.53 8.02
C ALA B 122 -8.50 -13.68 7.40
N LEU B 123 -8.57 -12.41 7.81
CA LEU B 123 -9.44 -11.42 7.19
C LEU B 123 -8.59 -10.23 6.74
N SER B 124 -8.93 -9.67 5.57
CA SER B 124 -8.30 -8.45 5.08
C SER B 124 -9.39 -7.45 4.76
N ALA B 125 -9.19 -6.19 5.14
CA ALA B 125 -10.19 -5.15 4.90
C ALA B 125 -9.51 -3.94 4.26
N SER B 126 -10.09 -3.45 3.15
CA SER B 126 -9.46 -2.38 2.39
C SER B 126 -9.44 -1.07 3.18
N ALA B 127 -8.32 -0.37 3.11
CA ALA B 127 -8.18 0.95 3.74
C ALA B 127 -7.22 1.75 2.88
N HIS B 128 -7.74 2.74 2.16
CA HIS B 128 -6.95 3.60 1.28
C HIS B 128 -6.14 2.77 0.29
N SER B 129 -4.81 2.92 0.30
CA SER B 129 -3.98 2.17 -0.63
C SER B 129 -3.67 0.75 -0.15
N GLY B 130 -3.95 0.42 1.11
CA GLY B 130 -3.59 -0.89 1.63
C GLY B 130 -4.74 -1.73 2.19
N TYR B 131 -4.40 -2.64 3.08
CA TYR B 131 -5.35 -3.56 3.69
C TYR B 131 -5.01 -3.73 5.16
N LYS B 132 -6.03 -3.64 6.02
CA LYS B 132 -5.90 -4.10 7.39
C LYS B 132 -6.07 -5.61 7.42
N LYS B 133 -5.27 -6.27 8.26
CA LYS B 133 -5.30 -7.73 8.35
C LYS B 133 -5.61 -8.17 9.76
N SER B 134 -6.44 -9.21 9.88
CA SER B 134 -6.69 -9.90 11.14
C SER B 134 -6.23 -11.34 10.90
N PHE B 135 -5.05 -11.67 11.42
CA PHE B 135 -4.43 -12.97 11.20
C PHE B 135 -3.76 -13.44 12.48
N PRO B 136 -4.29 -14.47 13.17
CA PRO B 136 -5.49 -15.22 12.84
C PRO B 136 -6.73 -14.36 12.95
N ALA B 137 -7.83 -14.79 12.32
CA ALA B 137 -9.06 -14.03 12.42
C ALA B 137 -9.51 -13.94 13.87
N ASP B 138 -9.51 -12.74 14.43
CA ASP B 138 -9.99 -12.54 15.79
C ASP B 138 -11.45 -12.93 15.90
N LYS B 139 -11.76 -13.81 16.86
CA LYS B 139 -13.12 -14.34 16.94
C LYS B 139 -14.12 -13.31 17.44
N SER B 140 -13.67 -12.21 18.04
CA SER B 140 -14.60 -11.14 18.36
C SER B 140 -15.10 -10.44 17.10
N TYR B 141 -14.41 -10.62 15.97
CA TYR B 141 -14.82 -10.09 14.68
C TYR B 141 -15.67 -11.08 13.89
N LEU B 142 -16.03 -12.22 14.48
CA LEU B 142 -16.75 -13.29 13.82
C LEU B 142 -18.05 -13.56 14.55
N ASP B 143 -19.14 -13.63 13.81
CA ASP B 143 -20.43 -14.09 14.31
C ASP B 143 -20.62 -15.47 13.69
N GLY B 144 -20.13 -16.49 14.39
CA GLY B 144 -20.00 -17.80 13.77
C GLY B 144 -18.94 -17.74 12.68
N ILE B 145 -19.35 -17.87 11.43
CA ILE B 145 -18.42 -17.72 10.31
C ILE B 145 -18.67 -16.42 9.55
N THR B 146 -19.52 -15.54 10.08
CA THR B 146 -19.89 -14.30 9.42
C THR B 146 -18.99 -13.18 9.93
N ALA B 147 -18.10 -12.68 9.07
CA ALA B 147 -17.21 -11.59 9.44
C ALA B 147 -17.99 -10.31 9.70
N LYS B 148 -17.58 -9.58 10.75
CA LYS B 148 -18.24 -8.34 11.16
C LYS B 148 -17.40 -7.15 10.71
N ILE B 149 -17.86 -6.43 9.69
CA ILE B 149 -17.09 -5.36 9.05
C ILE B 149 -17.72 -4.01 9.39
N SER B 150 -16.87 -2.98 9.48
CA SER B 150 -17.33 -1.61 9.66
C SER B 150 -16.94 -0.75 8.46
N TYR B 151 -17.75 0.27 8.20
CA TYR B 151 -17.49 1.27 7.17
C TYR B 151 -17.57 2.61 7.87
N LYS B 152 -16.46 3.36 7.85
CA LYS B 152 -16.39 4.52 8.74
C LYS B 152 -15.30 5.47 8.27
N SER B 153 -15.57 6.76 8.44
CA SER B 153 -14.60 7.82 8.20
C SER B 153 -14.20 8.44 9.53
N THR B 154 -12.91 8.63 9.74
CA THR B 154 -12.42 9.27 10.96
C THR B 154 -11.52 10.46 10.66
N LEU B 157 -9.50 11.68 7.43
CA LEU B 157 -9.36 10.62 6.43
C LEU B 157 -10.69 10.20 5.81
N ASP B 158 -10.62 9.70 4.57
CA ASP B 158 -11.79 9.22 3.85
C ASP B 158 -12.31 7.91 4.47
N HIS B 159 -13.44 7.44 3.97
CA HIS B 159 -14.03 6.23 4.54
C HIS B 159 -13.11 5.04 4.27
N GLU B 160 -13.16 4.08 5.20
CA GLU B 160 -12.36 2.86 5.08
C GLU B 160 -13.12 1.73 5.75
N LEU B 161 -12.79 0.51 5.36
CA LEU B 161 -13.34 -0.63 6.07
C LEU B 161 -12.48 -0.96 7.28
N GLY B 162 -13.05 -1.75 8.18
CA GLY B 162 -12.34 -2.23 9.35
C GLY B 162 -13.08 -3.42 9.93
N PHE B 163 -12.53 -3.95 11.02
CA PHE B 163 -13.15 -5.04 11.76
C PHE B 163 -13.84 -4.49 13.00
N THR B 164 -14.98 -5.07 13.36
CA THR B 164 -15.76 -4.58 14.49
C THR B 164 -16.37 -5.75 15.24
N THR B 165 -16.59 -5.54 16.54
CA THR B 165 -17.38 -6.47 17.34
C THR B 165 -18.88 -6.21 17.21
N SER B 166 -19.27 -5.10 16.61
CA SER B 166 -20.68 -4.75 16.49
C SER B 166 -21.34 -5.55 15.38
N ALA B 167 -22.59 -5.96 15.64
CA ALA B 167 -23.37 -6.61 14.62
C ALA B 167 -23.68 -5.65 13.49
N GLY B 168 -23.86 -6.20 12.29
CA GLY B 168 -24.07 -5.38 11.12
C GLY B 168 -25.23 -5.89 10.31
N LYS B 169 -25.45 -5.28 9.14
CA LYS B 169 -26.53 -5.69 8.26
C LYS B 169 -25.97 -6.44 7.06
N GLN B 170 -26.85 -7.18 6.40
CA GLN B 170 -26.48 -7.95 5.22
C GLN B 170 -27.29 -7.46 4.02
N GLN B 171 -26.78 -7.75 2.82
CA GLN B 171 -27.32 -7.29 1.54
C GLN B 171 -27.49 -8.48 0.61
N PRO B 172 -28.37 -8.37 -0.39
CA PRO B 172 -28.43 -9.39 -1.44
C PRO B 172 -27.13 -9.42 -2.24
N LEU B 173 -26.59 -10.63 -2.42
CA LEU B 173 -25.30 -10.83 -3.05
C LEU B 173 -25.48 -11.24 -4.51
N ILE B 174 -24.83 -10.50 -5.42
CA ILE B 174 -24.69 -10.94 -6.81
C ILE B 174 -23.19 -11.12 -7.07
N GLN B 175 -22.81 -12.31 -7.53
CA GLN B 175 -21.40 -12.63 -7.69
C GLN B 175 -20.95 -12.33 -9.12
N TRP B 176 -19.67 -11.94 -9.23
CA TRP B 176 -19.06 -11.72 -10.53
C TRP B 176 -19.32 -12.90 -11.45
N GLU B 177 -19.25 -14.10 -10.88
CA GLU B 177 -19.43 -15.35 -11.63
C GLU B 177 -20.88 -15.55 -12.06
N GLN B 178 -21.83 -14.81 -11.46
CA GLN B 178 -23.25 -14.91 -11.78
C GLN B 178 -23.75 -13.76 -12.65
N MET B 179 -22.92 -12.76 -12.92
CA MET B 179 -23.36 -11.58 -13.66
C MET B 179 -23.54 -11.91 -15.13
N THR B 180 -24.27 -11.02 -15.82
CA THR B 180 -24.25 -11.03 -17.28
C THR B 180 -22.90 -10.55 -17.77
N GLN B 181 -22.59 -10.87 -19.04
CA GLN B 181 -21.37 -10.35 -19.64
C GLN B 181 -21.41 -8.83 -19.74
N ALA B 182 -22.58 -8.26 -20.04
CA ALA B 182 -22.69 -6.80 -20.12
C ALA B 182 -22.35 -6.16 -18.78
N ALA B 183 -22.79 -6.74 -17.68
CA ALA B 183 -22.43 -6.19 -16.38
C ALA B 183 -20.94 -6.30 -16.11
N ARG B 184 -20.33 -7.45 -16.42
CA ARG B 184 -18.89 -7.60 -16.21
C ARG B 184 -18.12 -6.62 -17.10
N ASP B 185 -18.57 -6.46 -18.35
CA ASP B 185 -17.92 -5.53 -19.27
C ASP B 185 -17.96 -4.10 -18.76
N ALA B 186 -19.13 -3.68 -18.25
CA ALA B 186 -19.25 -2.32 -17.73
C ALA B 186 -18.38 -2.11 -16.51
N LEU B 187 -18.34 -3.09 -15.60
CA LEU B 187 -17.50 -2.94 -14.41
C LEU B 187 -16.02 -2.96 -14.77
N GLU B 188 -15.64 -3.64 -15.85
CA GLU B 188 -14.25 -3.63 -16.27
C GLU B 188 -13.82 -2.27 -16.82
N SER B 189 -14.69 -1.64 -17.61
CA SER B 189 -14.30 -0.50 -18.43
C SER B 189 -14.76 0.86 -17.90
N THR B 190 -15.68 0.90 -16.93
CA THR B 190 -16.26 2.17 -16.52
C THR B 190 -15.28 2.96 -15.65
N ASP B 191 -15.22 4.27 -15.88
CA ASP B 191 -14.39 5.19 -15.10
C ASP B 191 -15.17 5.61 -13.86
N PHE B 192 -14.78 5.09 -12.70
CA PHE B 192 -15.35 5.48 -11.42
C PHE B 192 -14.52 6.55 -10.71
N GLY B 193 -13.69 7.28 -11.47
CA GLY B 193 -12.93 8.40 -10.91
C GLY B 193 -11.90 8.00 -9.88
N ASN B 194 -12.06 8.51 -8.66
CA ASN B 194 -11.15 8.20 -7.57
C ASN B 194 -11.36 6.79 -7.03
N ALA B 195 -12.49 6.16 -7.32
CA ALA B 195 -12.74 4.81 -6.83
C ALA B 195 -12.39 3.80 -7.92
N ASN B 196 -12.08 2.57 -7.49
CA ASN B 196 -11.73 1.52 -8.43
C ASN B 196 -12.40 0.20 -8.04
N VAL B 197 -13.09 -0.40 -9.01
CA VAL B 197 -13.62 -1.76 -8.88
C VAL B 197 -12.49 -2.71 -8.50
N PRO B 198 -12.56 -3.38 -7.36
CA PRO B 198 -11.45 -4.23 -6.92
C PRO B 198 -11.54 -5.68 -7.36
N PHE B 199 -12.56 -6.08 -8.12
CA PHE B 199 -12.72 -7.47 -8.54
C PHE B 199 -12.84 -7.61 -10.06
N LYS B 200 -12.32 -6.62 -10.81
CA LYS B 200 -12.26 -6.73 -12.26
C LYS B 200 -10.94 -7.39 -12.65
N SER B 201 -10.32 -6.96 -13.76
CA SER B 201 -9.07 -7.59 -14.17
C SER B 201 -7.92 -7.35 -13.20
N ASN B 202 -8.09 -6.47 -12.22
CA ASN B 202 -7.11 -6.29 -11.14
C ASN B 202 -7.30 -7.28 -9.98
N PHE B 203 -8.19 -8.26 -10.12
CA PHE B 203 -8.58 -9.10 -8.98
C PHE B 203 -7.38 -9.83 -8.36
N GLN B 204 -6.62 -10.55 -9.18
CA GLN B 204 -5.47 -11.28 -8.67
C GLN B 204 -4.44 -10.33 -8.06
N ASP B 205 -4.25 -9.15 -8.65
CA ASP B 205 -3.36 -8.17 -8.04
C ASP B 205 -3.87 -7.74 -6.67
N LYS B 206 -5.19 -7.59 -6.52
CA LYS B 206 -5.72 -7.19 -5.22
C LYS B 206 -5.52 -8.28 -4.18
N LEU B 207 -5.65 -9.55 -4.59
CA LEU B 207 -5.44 -10.65 -3.65
C LEU B 207 -4.02 -10.65 -3.11
N VAL B 208 -3.04 -10.31 -3.96
CA VAL B 208 -1.65 -10.22 -3.52
C VAL B 208 -1.51 -9.17 -2.42
N LYS B 209 -2.05 -7.97 -2.67
CA LYS B 209 -1.96 -6.90 -1.67
C LYS B 209 -2.71 -7.25 -0.39
N ALA B 210 -3.79 -8.03 -0.51
CA ALA B 210 -4.52 -8.42 0.69
C ALA B 210 -3.89 -9.59 1.42
N PHE B 211 -2.96 -10.33 0.82
CA PHE B 211 -2.47 -11.56 1.42
C PHE B 211 -1.87 -11.27 2.81
N PHE B 212 -1.97 -12.26 3.70
CA PHE B 212 -1.84 -12.04 5.14
C PHE B 212 -0.50 -12.47 5.73
N GLN B 213 0.44 -12.97 4.94
CA GLN B 213 1.73 -13.37 5.51
C GLN B 213 2.88 -13.25 4.52
MG MG C . 12.45 -3.99 -2.02
MG MG D . 11.64 21.52 14.23
MG MG E . -12.73 4.57 -1.06
#